data_4E1B
#
_entry.id   4E1B
#
_cell.length_a   85.391
_cell.length_b   120.843
_cell.length_c   67.552
_cell.angle_alpha   90.00
_cell.angle_beta   90.00
_cell.angle_gamma   90.00
#
_symmetry.space_group_name_H-M   'C 2 2 2'
#
loop_
_entity.id
_entity.type
_entity.pdbx_description
1 polymer 'YrdC/Sua5 family protein'
2 non-polymer 'MAGNESIUM ION'
3 non-polymer threonylcarbamoyladenylate
4 water water
#
_entity_poly.entity_id   1
_entity_poly.type   'polypeptide(L)'
_entity_poly.pdbx_seq_one_letter_code
;(MSE)TQIIKIDPLNPEIDKIKIAADVIRNGGTVAFPTETVYGLGANAFDGNACLKIFQAKNRPVDNPLIVHIADFNQLF
EVAKDIPDKVLEIAQIVWPGPLTFVLKKTERVPKEVTAGLDTVAVR(MSE)PAHPIALQLIRESGVPIAAPSANLATRPS
PTKAEDVIVDLNGRVDVIIDGGHTFFGVESTIINVTVEPPVLLRPGPFTIEELKKLFGEIVIPEFAQGKKEAEIALAPG
(MSE)KYKHYAPNTRLLLVENRNIFKDVVSLLSKKYKVALLIPKELSKEFEGLQQIILGSDENLYEVARNLFDSFRELDK
LNVDLGI(MSE)IGFPERGIGFAI(MSE)NRARKASGFSIIKAISDVYKYVNI
;
_entity_poly.pdbx_strand_id   A
#
loop_
_chem_comp.id
_chem_comp.type
_chem_comp.name
_chem_comp.formula
MG non-polymer 'MAGNESIUM ION' 'Mg 2'
TXA non-polymer threonylcarbamoyladenylate 'C15 H21 N6 O11 P'
#
# COMPACT_ATOMS: atom_id res chain seq x y z
N THR A 2 4.99 22.29 -7.21
CA THR A 2 5.21 21.42 -6.00
C THR A 2 6.65 21.58 -5.46
N GLN A 3 6.79 21.71 -4.16
CA GLN A 3 8.15 21.75 -3.55
C GLN A 3 8.53 20.34 -3.23
N ILE A 4 9.63 19.86 -3.78
CA ILE A 4 10.13 18.50 -3.50
C ILE A 4 11.20 18.69 -2.40
N ILE A 5 11.06 18.01 -1.28
CA ILE A 5 11.94 18.30 -0.15
C ILE A 5 12.60 16.96 0.22
N LYS A 6 13.94 16.90 0.11
CA LYS A 6 14.68 15.69 0.44
C LYS A 6 14.91 15.61 1.93
N ILE A 7 14.42 14.53 2.58
CA ILE A 7 14.50 14.49 4.03
C ILE A 7 15.01 13.10 4.36
N ASP A 8 15.97 13.00 5.29
CA ASP A 8 16.55 11.71 5.63
C ASP A 8 15.50 10.88 6.38
N PRO A 9 15.21 9.69 5.88
CA PRO A 9 14.05 8.96 6.48
C PRO A 9 14.32 8.41 7.84
N LEU A 10 15.59 8.17 8.16
CA LEU A 10 15.91 7.54 9.50
C LEU A 10 16.30 8.61 10.51
N ASN A 11 16.72 9.79 10.06
CA ASN A 11 17.02 10.81 11.02
C ASN A 11 16.60 12.16 10.43
N PRO A 12 15.28 12.43 10.38
CA PRO A 12 14.82 13.53 9.59
C PRO A 12 15.23 14.90 10.17
N GLU A 13 15.58 15.83 9.30
CA GLU A 13 15.93 17.20 9.68
C GLU A 13 14.67 17.91 10.12
N ILE A 14 14.57 18.26 11.41
CA ILE A 14 13.30 18.75 11.93
C ILE A 14 12.88 20.08 11.25
N ASP A 15 13.85 20.88 10.80
CA ASP A 15 13.54 22.13 10.12
C ASP A 15 12.88 21.93 8.72
N LYS A 16 13.28 20.87 8.04
CA LYS A 16 12.63 20.46 6.78
C LYS A 16 11.19 19.89 7.04
N ILE A 17 11.06 19.05 8.06
CA ILE A 17 9.75 18.52 8.44
C ILE A 17 8.79 19.69 8.71
N LYS A 18 9.31 20.72 9.42
CA LYS A 18 8.47 21.91 9.70
C LYS A 18 7.90 22.62 8.47
N ILE A 19 8.67 22.67 7.39
CA ILE A 19 8.21 23.30 6.15
C ILE A 19 6.98 22.57 5.64
N ALA A 20 7.06 21.23 5.64
CA ALA A 20 5.86 20.42 5.26
C ALA A 20 4.69 20.51 6.25
N ALA A 21 5.00 20.47 7.54
CA ALA A 21 3.95 20.60 8.56
C ALA A 21 3.18 21.94 8.45
N ASP A 22 3.88 23.03 8.07
CA ASP A 22 3.24 24.42 7.90
C ASP A 22 2.25 24.31 6.74
N VAL A 23 2.58 23.49 5.70
CA VAL A 23 1.65 23.25 4.59
C VAL A 23 0.39 22.49 5.10
N ILE A 24 0.61 21.44 5.89
CA ILE A 24 -0.50 20.71 6.42
C ILE A 24 -1.44 21.72 7.18
N ARG A 25 -0.83 22.50 8.06
CA ARG A 25 -1.64 23.37 8.95
C ARG A 25 -2.37 24.46 8.20
N ASN A 26 -1.89 24.78 7.00
CA ASN A 26 -2.47 25.76 6.12
C ASN A 26 -3.48 25.16 5.14
N GLY A 27 -3.82 23.89 5.29
CA GLY A 27 -4.82 23.28 4.40
C GLY A 27 -4.35 22.73 3.08
N GLY A 28 -3.04 22.52 2.95
CA GLY A 28 -2.38 22.02 1.73
C GLY A 28 -2.10 20.50 1.84
N THR A 29 -1.53 19.97 0.75
CA THR A 29 -1.30 18.52 0.57
C THR A 29 0.18 18.23 0.57
N VAL A 30 0.54 17.14 1.29
CA VAL A 30 1.95 16.70 1.40
C VAL A 30 1.99 15.20 1.14
N ALA A 31 2.73 14.76 0.14
CA ALA A 31 3.06 13.33 -0.01
C ALA A 31 4.27 13.00 0.86
N PHE A 32 4.18 11.89 1.56
CA PHE A 32 5.23 11.50 2.56
C PHE A 32 5.43 9.99 2.59
N PRO A 33 6.68 9.54 2.84
CA PRO A 33 6.95 8.11 2.99
C PRO A 33 6.36 7.56 4.31
N THR A 34 6.00 6.28 4.31
CA THR A 34 5.73 5.58 5.59
C THR A 34 6.47 4.22 5.48
N GLU A 35 6.32 3.40 6.48
CA GLU A 35 6.89 2.04 6.39
C GLU A 35 6.17 1.14 5.35
N THR A 36 4.99 1.55 4.86
CA THR A 36 4.21 0.67 3.96
C THR A 36 4.41 1.19 2.53
N VAL A 37 3.67 2.22 2.19
CA VAL A 37 3.78 2.92 0.90
C VAL A 37 3.73 4.42 1.13
N TYR A 38 4.07 5.25 0.14
CA TYR A 38 3.93 6.73 0.38
C TYR A 38 2.42 7.10 0.53
N GLY A 39 2.12 8.08 1.35
CA GLY A 39 0.74 8.56 1.49
C GLY A 39 0.64 9.98 0.96
N LEU A 40 -0.57 10.41 0.56
CA LEU A 40 -0.81 11.81 0.18
C LEU A 40 -1.75 12.35 1.26
N GLY A 41 -1.23 13.31 2.05
CA GLY A 41 -1.89 13.70 3.31
C GLY A 41 -2.43 15.10 3.37
N ALA A 42 -3.46 15.30 4.21
CA ALA A 42 -3.91 16.65 4.60
C ALA A 42 -4.39 16.59 6.01
N ASN A 43 -4.65 17.75 6.62
CA ASN A 43 -5.20 17.85 7.95
C ASN A 43 -6.50 17.10 8.07
N ALA A 44 -6.52 16.05 8.88
CA ALA A 44 -7.66 15.16 8.90
C ALA A 44 -8.95 15.88 9.38
N PHE A 45 -8.78 17.01 10.06
CA PHE A 45 -9.96 17.74 10.56
C PHE A 45 -10.53 18.69 9.48
N ASP A 46 -9.81 18.84 8.38
CA ASP A 46 -10.17 19.85 7.39
C ASP A 46 -10.75 19.20 6.13
N GLY A 47 -12.07 19.12 6.04
CA GLY A 47 -12.67 18.39 4.94
C GLY A 47 -12.31 19.02 3.57
N ASN A 48 -12.24 20.35 3.46
CA ASN A 48 -11.86 20.96 2.15
C ASN A 48 -10.42 20.64 1.74
N ALA A 49 -9.54 20.60 2.74
CA ALA A 49 -8.16 20.21 2.46
C ALA A 49 -8.10 18.74 2.05
N CYS A 50 -8.88 17.90 2.73
CA CYS A 50 -8.91 16.49 2.34
C CYS A 50 -9.48 16.23 0.91
N LEU A 51 -10.44 17.05 0.47
CA LEU A 51 -10.92 16.93 -0.91
C LEU A 51 -9.81 17.17 -1.94
N LYS A 52 -8.79 17.95 -1.57
CA LYS A 52 -7.63 18.18 -2.46
C LYS A 52 -6.86 16.89 -2.71
N ILE A 53 -6.93 15.95 -1.76
CA ILE A 53 -6.25 14.63 -1.98
C ILE A 53 -6.98 13.90 -3.09
N PHE A 54 -8.33 13.89 -3.03
CA PHE A 54 -9.10 13.18 -4.02
C PHE A 54 -8.90 13.87 -5.38
N GLN A 55 -8.85 15.20 -5.39
CA GLN A 55 -8.58 15.94 -6.69
C GLN A 55 -7.18 15.58 -7.30
N ALA A 56 -6.17 15.61 -6.45
CA ALA A 56 -4.83 15.21 -6.95
C ALA A 56 -4.75 13.78 -7.52
N LYS A 57 -5.43 12.81 -6.88
CA LYS A 57 -5.34 11.45 -7.30
C LYS A 57 -6.36 11.06 -8.38
N ASN A 58 -7.35 11.90 -8.55
CA ASN A 58 -8.63 11.56 -9.23
C ASN A 58 -9.31 10.33 -8.65
N ARG A 59 -9.51 10.41 -7.34
CA ARG A 59 -10.01 9.27 -6.60
C ARG A 59 -11.50 9.38 -6.46
N PRO A 60 -12.23 8.24 -6.62
CA PRO A 60 -13.66 8.29 -6.43
C PRO A 60 -13.95 8.68 -4.98
N VAL A 61 -14.86 9.62 -4.85
CA VAL A 61 -15.05 10.31 -3.62
C VAL A 61 -15.56 9.39 -2.48
N ASP A 62 -16.06 8.21 -2.81
CA ASP A 62 -16.57 7.30 -1.73
C ASP A 62 -15.57 6.27 -1.27
N ASN A 63 -14.33 6.42 -1.72
CA ASN A 63 -13.24 5.54 -1.18
C ASN A 63 -12.48 6.29 -0.04
N PRO A 64 -12.74 5.92 1.21
CA PRO A 64 -12.37 6.65 2.39
C PRO A 64 -10.82 6.61 2.64
N LEU A 65 -10.38 7.49 3.52
CA LEU A 65 -8.93 7.70 3.78
C LEU A 65 -8.55 7.02 5.10
N ILE A 66 -7.24 6.86 5.35
CA ILE A 66 -6.80 6.38 6.71
C ILE A 66 -6.26 7.59 7.44
N VAL A 67 -6.65 7.73 8.69
CA VAL A 67 -6.17 8.82 9.54
C VAL A 67 -4.91 8.35 10.25
N HIS A 68 -3.86 9.11 10.08
CA HIS A 68 -2.54 8.74 10.66
C HIS A 68 -2.34 9.63 11.89
N ILE A 69 -1.97 9.00 13.03
CA ILE A 69 -1.84 9.72 14.30
C ILE A 69 -0.40 9.50 14.79
N ALA A 70 0.06 10.32 15.74
CA ALA A 70 1.44 10.20 16.17
C ALA A 70 1.44 9.95 17.69
N ASP A 71 0.28 10.00 18.31
CA ASP A 71 0.19 9.69 19.75
C ASP A 71 -1.23 9.32 20.15
N PHE A 72 -1.40 8.77 21.35
CA PHE A 72 -2.73 8.30 21.75
C PHE A 72 -3.72 9.40 22.07
N ASN A 73 -3.26 10.54 22.52
CA ASN A 73 -4.20 11.68 22.60
C ASN A 73 -4.99 11.92 21.26
N GLN A 74 -4.26 11.85 20.14
CA GLN A 74 -4.86 12.03 18.83
C GLN A 74 -5.86 10.88 18.54
N LEU A 75 -5.56 9.64 18.93
CA LEU A 75 -6.56 8.55 18.72
C LEU A 75 -7.96 8.97 19.17
N PHE A 76 -8.06 9.46 20.41
CA PHE A 76 -9.35 9.86 20.99
C PHE A 76 -9.96 11.13 20.42
N GLU A 77 -9.23 11.85 19.59
CA GLU A 77 -9.80 12.97 18.85
C GLU A 77 -10.66 12.48 17.66
N VAL A 78 -10.24 11.35 17.09
CA VAL A 78 -10.84 10.87 15.85
C VAL A 78 -11.71 9.63 16.03
N ALA A 79 -11.50 8.87 17.13
CA ALA A 79 -12.22 7.62 17.35
C ALA A 79 -12.80 7.55 18.74
N LYS A 80 -13.90 6.80 18.93
CA LYS A 80 -14.48 6.74 20.27
C LYS A 80 -15.09 5.35 20.50
N ASP A 81 -15.51 5.08 21.74
CA ASP A 81 -16.17 3.78 22.04
C ASP A 81 -15.23 2.61 21.72
N ILE A 82 -13.95 2.83 22.02
CA ILE A 82 -12.94 1.86 21.67
C ILE A 82 -12.90 0.78 22.72
N PRO A 83 -13.07 -0.48 22.33
CA PRO A 83 -13.09 -1.53 23.39
C PRO A 83 -11.75 -1.57 24.17
N ASP A 84 -11.81 -1.83 25.48
CA ASP A 84 -10.59 -1.88 26.29
C ASP A 84 -9.53 -2.81 25.68
N LYS A 85 -9.95 -3.99 25.16
CA LYS A 85 -8.98 -4.95 24.57
C LYS A 85 -8.27 -4.33 23.34
N VAL A 86 -9.01 -3.59 22.52
CA VAL A 86 -8.42 -2.90 21.37
C VAL A 86 -7.43 -1.84 21.79
N LEU A 87 -7.78 -1.05 22.80
CA LEU A 87 -6.88 -0.04 23.30
C LEU A 87 -5.57 -0.69 23.83
N GLU A 88 -5.69 -1.79 24.55
CA GLU A 88 -4.47 -2.41 25.17
C GLU A 88 -3.58 -2.90 24.01
N ILE A 89 -4.23 -3.47 22.99
CA ILE A 89 -3.46 -4.02 21.81
C ILE A 89 -2.88 -2.90 20.99
N ALA A 90 -3.66 -1.84 20.76
CA ALA A 90 -3.09 -0.70 20.00
C ALA A 90 -1.80 -0.16 20.63
N GLN A 91 -1.73 -0.18 21.93
CA GLN A 91 -0.56 0.31 22.68
C GLN A 91 0.71 -0.54 22.52
N ILE A 92 0.57 -1.77 21.99
CA ILE A 92 1.75 -2.65 21.80
C ILE A 92 2.06 -2.80 20.33
N VAL A 93 1.14 -2.45 19.40
CA VAL A 93 1.39 -2.66 17.97
C VAL A 93 1.74 -1.37 17.27
N TRP A 94 1.52 -0.24 17.91
CA TRP A 94 1.73 1.03 17.29
C TRP A 94 2.98 1.69 17.89
N PRO A 95 3.75 2.44 17.08
CA PRO A 95 3.62 2.66 15.63
C PRO A 95 3.79 1.35 14.90
N GLY A 96 3.01 1.07 13.85
CA GLY A 96 3.24 -0.15 13.05
C GLY A 96 2.23 -0.24 11.92
N PRO A 97 2.42 -1.22 10.99
CA PRO A 97 1.68 -1.27 9.72
C PRO A 97 0.30 -1.98 9.95
N LEU A 98 -0.46 -1.59 10.97
CA LEU A 98 -1.76 -2.19 11.26
C LEU A 98 -2.73 -1.09 11.49
N THR A 99 -3.82 -1.10 10.69
CA THR A 99 -4.84 -0.07 10.75
C THR A 99 -6.07 -0.68 11.41
N PHE A 100 -6.73 0.06 12.30
CA PHE A 100 -7.96 -0.40 12.94
C PHE A 100 -9.11 0.39 12.41
N VAL A 101 -10.22 -0.28 12.03
CA VAL A 101 -11.46 0.46 11.75
C VAL A 101 -12.27 0.61 13.05
N LEU A 102 -12.59 1.85 13.41
CA LEU A 102 -13.13 2.17 14.73
C LEU A 102 -14.33 3.06 14.51
N LYS A 103 -15.09 3.30 15.58
CA LYS A 103 -16.17 4.27 15.43
C LYS A 103 -15.65 5.70 15.44
N LYS A 104 -16.09 6.54 14.51
CA LYS A 104 -15.59 7.88 14.44
C LYS A 104 -16.23 8.86 15.46
N THR A 105 -15.51 9.94 15.67
CA THR A 105 -16.06 11.08 16.44
C THR A 105 -16.65 12.08 15.50
N GLU A 106 -17.38 13.03 16.08
CA GLU A 106 -17.95 14.09 15.27
C GLU A 106 -16.94 15.04 14.60
N ARG A 107 -15.67 14.98 15.00
CA ARG A 107 -14.68 15.87 14.43
C ARG A 107 -14.17 15.36 13.05
N VAL A 108 -14.50 14.10 12.68
CA VAL A 108 -13.95 13.58 11.45
C VAL A 108 -14.84 13.94 10.29
N PRO A 109 -14.30 14.64 9.27
CA PRO A 109 -15.15 15.14 8.15
C PRO A 109 -15.66 14.03 7.29
N LYS A 110 -16.80 14.28 6.63
CA LYS A 110 -17.31 13.33 5.66
C LYS A 110 -16.33 12.91 4.54
N GLU A 111 -15.49 13.85 4.10
CA GLU A 111 -14.49 13.56 3.09
C GLU A 111 -13.50 12.43 3.53
N VAL A 112 -13.20 12.36 4.83
CA VAL A 112 -12.28 11.32 5.31
C VAL A 112 -12.93 9.92 5.36
N THR A 113 -14.21 9.85 5.77
CA THR A 113 -14.82 8.59 6.03
C THR A 113 -15.79 8.13 4.93
N ALA A 114 -15.91 8.89 3.83
CA ALA A 114 -16.88 8.61 2.74
C ALA A 114 -18.28 8.51 3.35
N GLY A 115 -18.53 9.32 4.37
CA GLY A 115 -19.86 9.34 4.98
C GLY A 115 -20.15 8.18 5.93
N LEU A 116 -19.25 7.19 6.04
CA LEU A 116 -19.38 5.99 6.95
C LEU A 116 -19.35 6.45 8.41
N ASP A 117 -19.93 5.63 9.29
CA ASP A 117 -19.96 5.82 10.73
C ASP A 117 -18.59 5.46 11.31
N THR A 118 -17.73 4.81 10.50
CA THR A 118 -16.45 4.35 11.04
C THR A 118 -15.27 5.13 10.39
N VAL A 119 -14.11 5.08 11.06
CA VAL A 119 -12.87 5.71 10.59
C VAL A 119 -11.72 4.69 10.75
N ALA A 120 -10.82 4.68 9.77
CA ALA A 120 -9.70 3.77 9.77
C ALA A 120 -8.50 4.59 10.29
N VAL A 121 -7.76 4.05 11.28
CA VAL A 121 -6.70 4.80 11.95
C VAL A 121 -5.48 3.92 12.03
N ARG A 122 -4.31 4.54 11.83
CA ARG A 122 -3.05 3.87 12.15
C ARG A 122 -1.98 4.89 12.59
N MSE A 123 -1.03 4.38 13.33
CA MSE A 123 0.17 5.22 13.75
C MSE A 123 1.41 4.72 12.98
O MSE A 123 1.83 3.58 13.21
CB MSE A 123 0.40 5.02 15.28
CG MSE A 123 1.40 6.02 15.73
SE MSE A 123 1.75 5.76 17.70
CE MSE A 123 -0.08 6.25 18.41
N PRO A 124 1.90 5.51 12.00
CA PRO A 124 2.86 4.95 11.07
C PRO A 124 4.25 4.81 11.75
N ALA A 125 4.85 3.64 11.55
CA ALA A 125 6.22 3.36 12.03
C ALA A 125 7.27 3.86 11.00
N HIS A 126 7.38 5.17 10.87
CA HIS A 126 8.38 5.82 9.98
C HIS A 126 8.71 7.17 10.53
N PRO A 127 10.01 7.50 10.75
CA PRO A 127 10.29 8.78 11.45
C PRO A 127 9.75 10.00 10.74
N ILE A 128 9.80 10.02 9.42
CA ILE A 128 9.31 11.19 8.69
C ILE A 128 7.80 11.34 8.87
N ALA A 129 7.07 10.23 8.72
CA ALA A 129 5.62 10.31 8.95
C ALA A 129 5.22 10.73 10.38
N LEU A 130 5.81 10.08 11.37
CA LEU A 130 5.55 10.46 12.76
C LEU A 130 5.94 11.88 13.04
N GLN A 131 7.14 12.33 12.58
CA GLN A 131 7.49 13.70 12.90
C GLN A 131 6.62 14.73 12.12
N LEU A 132 6.20 14.39 10.92
CA LEU A 132 5.32 15.29 10.18
C LEU A 132 4.02 15.52 10.93
N ILE A 133 3.43 14.44 11.43
CA ILE A 133 2.16 14.53 12.15
C ILE A 133 2.34 15.34 13.48
N ARG A 134 3.42 15.03 14.21
CA ARG A 134 3.77 15.77 15.43
C ARG A 134 3.89 17.22 15.26
N GLU A 135 4.65 17.65 14.25
CA GLU A 135 4.90 19.03 14.00
C GLU A 135 3.67 19.68 13.41
N SER A 136 2.83 18.89 12.71
CA SER A 136 1.60 19.49 12.17
C SER A 136 0.62 19.75 13.31
N GLY A 137 0.73 18.99 14.40
CA GLY A 137 -0.22 19.06 15.54
C GLY A 137 -1.65 18.60 15.24
N VAL A 138 -1.86 17.91 14.11
CA VAL A 138 -3.19 17.36 13.73
C VAL A 138 -2.94 15.94 13.16
N PRO A 139 -3.90 15.03 13.35
CA PRO A 139 -3.83 13.78 12.56
C PRO A 139 -3.85 14.14 11.08
N ILE A 140 -3.26 13.23 10.27
CA ILE A 140 -3.16 13.47 8.89
C ILE A 140 -3.92 12.36 8.15
N ALA A 141 -4.91 12.75 7.33
CA ALA A 141 -5.71 11.73 6.56
C ALA A 141 -4.94 11.47 5.28
N ALA A 142 -4.74 10.20 4.89
CA ALA A 142 -4.02 9.98 3.68
C ALA A 142 -4.33 8.61 3.11
N PRO A 143 -4.59 8.53 1.79
CA PRO A 143 -4.55 7.25 1.16
C PRO A 143 -3.15 7.08 0.51
N SER A 144 -2.93 5.98 -0.21
CA SER A 144 -1.65 5.85 -0.97
C SER A 144 -1.51 7.02 -1.95
N ALA A 145 -0.27 7.37 -2.25
CA ALA A 145 -0.05 8.60 -2.98
C ALA A 145 0.03 8.39 -4.53
N ASN A 146 -0.61 7.38 -5.07
CA ASN A 146 -0.53 7.17 -6.51
C ASN A 146 -1.63 7.89 -7.25
N LEU A 147 -1.40 8.20 -8.53
CA LEU A 147 -2.52 8.54 -9.38
C LEU A 147 -3.43 7.32 -9.56
N ALA A 148 -4.74 7.56 -9.71
CA ALA A 148 -5.76 6.49 -9.55
C ALA A 148 -5.50 5.07 -10.16
N THR A 149 -5.04 5.10 -11.36
CA THR A 149 -4.84 3.83 -12.08
C THR A 149 -3.41 3.36 -12.08
N ARG A 150 -2.61 3.84 -11.12
CA ARG A 150 -1.23 3.35 -11.09
C ARG A 150 -1.00 2.62 -9.78
N PRO A 151 0.05 1.76 -9.73
CA PRO A 151 0.35 1.03 -8.49
C PRO A 151 0.76 1.94 -7.32
N SER A 152 0.53 1.49 -6.11
CA SER A 152 0.87 2.31 -4.94
C SER A 152 2.36 2.62 -4.97
N PRO A 153 2.73 3.87 -4.67
CA PRO A 153 4.16 4.28 -4.80
C PRO A 153 5.00 3.84 -3.62
N THR A 154 6.20 3.35 -3.90
CA THR A 154 7.05 2.94 -2.81
C THR A 154 8.41 3.67 -2.81
N LYS A 155 8.63 4.55 -3.78
CA LYS A 155 9.88 5.36 -3.76
C LYS A 155 9.48 6.76 -4.26
N ALA A 156 10.30 7.76 -3.92
CA ALA A 156 9.94 9.15 -4.25
C ALA A 156 9.68 9.35 -5.73
N GLU A 157 10.44 8.68 -6.61
CA GLU A 157 10.34 8.97 -8.05
C GLU A 157 8.90 8.59 -8.52
N ASP A 158 8.33 7.53 -7.93
CA ASP A 158 6.91 7.09 -8.25
C ASP A 158 5.92 8.24 -7.97
N VAL A 159 6.12 8.89 -6.83
CA VAL A 159 5.24 9.97 -6.41
C VAL A 159 5.43 11.19 -7.29
N ILE A 160 6.70 11.44 -7.63
CA ILE A 160 7.03 12.58 -8.50
C ILE A 160 6.40 12.44 -9.83
N VAL A 161 6.55 11.26 -10.44
CA VAL A 161 5.96 11.00 -11.77
C VAL A 161 4.44 11.13 -11.72
N ASP A 162 3.84 10.65 -10.64
CA ASP A 162 2.38 10.73 -10.53
C ASP A 162 1.81 12.10 -10.13
N LEU A 163 2.44 12.79 -9.22
CA LEU A 163 1.74 13.88 -8.51
C LEU A 163 2.46 15.20 -8.67
N ASN A 164 3.67 15.20 -9.22
CA ASN A 164 4.32 16.50 -9.45
C ASN A 164 3.40 17.49 -10.19
N GLY A 165 3.21 18.67 -9.62
CA GLY A 165 2.38 19.72 -10.22
C GLY A 165 0.90 19.61 -9.75
N ARG A 166 0.60 18.54 -8.98
CA ARG A 166 -0.79 18.31 -8.49
C ARG A 166 -0.90 18.41 -6.96
N VAL A 167 0.22 18.51 -6.24
CA VAL A 167 0.21 18.60 -4.76
C VAL A 167 1.16 19.68 -4.31
N ASP A 168 1.01 20.17 -3.06
CA ASP A 168 1.81 21.27 -2.60
C ASP A 168 3.24 20.82 -2.29
N VAL A 169 3.42 19.64 -1.68
CA VAL A 169 4.78 19.21 -1.22
C VAL A 169 4.92 17.69 -1.49
N ILE A 170 6.06 17.30 -2.00
CA ILE A 170 6.47 15.86 -1.99
C ILE A 170 7.75 15.76 -1.16
N ILE A 171 7.69 14.90 -0.17
CA ILE A 171 8.85 14.62 0.66
C ILE A 171 9.56 13.49 0.01
N ASP A 172 10.79 13.71 -0.44
CA ASP A 172 11.60 12.61 -1.03
C ASP A 172 12.33 11.98 0.14
N GLY A 173 11.80 10.84 0.60
CA GLY A 173 12.26 10.21 1.80
C GLY A 173 12.70 8.81 1.51
N GLY A 174 13.13 8.51 0.31
CA GLY A 174 13.72 7.21 -0.03
C GLY A 174 12.63 6.14 -0.17
N HIS A 175 13.05 4.88 -0.10
CA HIS A 175 12.15 3.77 -0.46
C HIS A 175 11.36 3.44 0.81
N THR A 176 10.07 3.10 0.69
CA THR A 176 9.37 2.63 1.91
C THR A 176 9.83 1.24 2.38
N PHE A 177 9.58 0.91 3.65
CA PHE A 177 10.28 -0.20 4.26
C PHE A 177 9.72 -1.55 3.79
N PHE A 178 8.37 -1.70 3.80
CA PHE A 178 7.76 -2.97 3.43
C PHE A 178 7.20 -3.02 2.00
N GLY A 179 6.68 -1.89 1.50
CA GLY A 179 6.31 -1.81 0.09
C GLY A 179 4.88 -2.25 -0.20
N VAL A 180 4.17 -2.73 0.83
CA VAL A 180 2.74 -3.01 0.60
C VAL A 180 1.95 -2.37 1.75
N GLU A 181 0.67 -2.10 1.48
CA GLU A 181 -0.13 -1.29 2.41
C GLU A 181 -0.43 -2.01 3.72
N SER A 182 -0.74 -1.22 4.76
CA SER A 182 -0.99 -1.77 6.07
C SER A 182 -2.08 -2.83 6.11
N THR A 183 -1.90 -3.77 7.04
CA THR A 183 -2.98 -4.67 7.39
C THR A 183 -4.16 -3.85 7.91
N ILE A 184 -5.40 -4.21 7.51
CA ILE A 184 -6.56 -3.53 8.07
C ILE A 184 -7.51 -4.53 8.75
N ILE A 185 -7.86 -4.21 9.99
CA ILE A 185 -8.78 -5.05 10.79
C ILE A 185 -9.93 -4.18 11.25
N ASN A 186 -11.16 -4.67 11.06
CA ASN A 186 -12.31 -4.02 11.58
C ASN A 186 -12.63 -4.50 12.99
N VAL A 187 -12.53 -3.61 13.97
CA VAL A 187 -12.81 -4.00 15.34
C VAL A 187 -14.11 -3.37 15.86
N THR A 188 -14.94 -2.86 14.95
CA THR A 188 -16.29 -2.40 15.31
C THR A 188 -17.34 -3.52 15.23
N VAL A 189 -16.93 -4.69 14.78
CA VAL A 189 -17.78 -5.91 14.71
C VAL A 189 -17.03 -6.94 15.54
N GLU A 190 -17.71 -8.02 16.00
CA GLU A 190 -17.06 -9.05 16.86
C GLU A 190 -17.42 -10.51 16.44
N PRO A 192 -13.93 -9.75 15.13
CA PRO A 192 -13.30 -8.74 14.20
C PRO A 192 -12.94 -9.42 12.87
N VAL A 193 -12.80 -8.64 11.81
CA VAL A 193 -12.62 -9.15 10.47
C VAL A 193 -11.41 -8.48 9.83
N LEU A 194 -10.60 -9.32 9.18
CA LEU A 194 -9.43 -8.89 8.38
C LEU A 194 -9.92 -8.31 7.06
N LEU A 195 -9.77 -7.01 6.88
CA LEU A 195 -10.26 -6.38 5.64
C LEU A 195 -9.17 -6.34 4.57
N ARG A 196 -7.91 -6.38 4.98
CA ARG A 196 -6.80 -6.32 4.03
C ARG A 196 -5.56 -6.90 4.70
N PRO A 197 -4.97 -7.94 4.10
CA PRO A 197 -3.71 -8.43 4.65
C PRO A 197 -2.60 -7.46 4.38
N GLY A 198 -1.58 -7.43 5.23
CA GLY A 198 -0.45 -6.49 5.04
C GLY A 198 0.73 -6.97 5.82
N PRO A 199 1.69 -6.04 6.16
CA PRO A 199 2.94 -6.48 6.83
C PRO A 199 2.76 -6.98 8.26
N PHE A 200 1.67 -6.57 8.92
CA PHE A 200 1.30 -7.15 10.22
C PHE A 200 0.56 -8.42 9.93
N THR A 201 1.25 -9.54 10.19
CA THR A 201 0.86 -10.78 9.53
C THR A 201 -0.39 -11.36 10.21
N ILE A 202 -1.11 -12.16 9.49
CA ILE A 202 -2.17 -12.96 10.10
C ILE A 202 -1.67 -13.87 11.23
N GLU A 203 -0.44 -14.40 11.13
CA GLU A 203 0.13 -15.25 12.23
C GLU A 203 0.12 -14.45 13.54
N GLU A 204 0.66 -13.23 13.49
CA GLU A 204 0.63 -12.33 14.68
C GLU A 204 -0.79 -11.91 15.14
N LEU A 205 -1.65 -11.53 14.18
CA LEU A 205 -3.02 -11.15 14.47
C LEU A 205 -3.83 -12.19 15.18
N LYS A 206 -3.75 -13.42 14.67
CA LYS A 206 -4.51 -14.52 15.24
C LYS A 206 -4.15 -14.75 16.72
N LYS A 207 -2.90 -14.43 17.10
CA LYS A 207 -2.43 -14.51 18.50
C LYS A 207 -3.00 -13.40 19.37
N LEU A 208 -3.38 -12.30 18.74
CA LEU A 208 -3.94 -11.15 19.45
C LEU A 208 -5.46 -11.15 19.40
N PHE A 209 -6.03 -11.57 18.28
CA PHE A 209 -7.45 -11.63 18.10
C PHE A 209 -7.78 -13.04 17.61
N GLY A 210 -7.83 -13.98 18.57
CA GLY A 210 -8.09 -15.41 18.26
C GLY A 210 -9.22 -15.76 17.31
N GLU A 211 -10.26 -14.95 17.36
CA GLU A 211 -11.51 -15.20 16.70
C GLU A 211 -11.56 -14.42 15.37
N ILE A 212 -10.44 -13.83 14.96
CA ILE A 212 -10.47 -13.00 13.77
C ILE A 212 -11.01 -13.74 12.53
N VAL A 213 -11.97 -13.11 11.84
CA VAL A 213 -12.49 -13.66 10.58
C VAL A 213 -11.64 -13.27 9.37
N ILE A 214 -11.27 -14.28 8.59
CA ILE A 214 -10.47 -13.99 7.40
C ILE A 214 -11.27 -14.10 6.11
N TYR A 234 -15.53 -4.11 -8.99
CA TYR A 234 -15.14 -4.09 -10.42
C TYR A 234 -13.89 -3.22 -10.67
N LYS A 235 -13.18 -2.85 -9.60
CA LYS A 235 -11.98 -2.02 -9.72
C LYS A 235 -10.99 -2.68 -10.66
N HIS A 236 -10.37 -1.91 -11.52
CA HIS A 236 -9.22 -2.45 -12.22
C HIS A 236 -7.89 -2.02 -11.54
N TYR A 237 -7.03 -3.00 -11.29
CA TYR A 237 -5.80 -2.73 -10.58
C TYR A 237 -4.71 -2.76 -11.63
N ALA A 238 -3.83 -1.78 -11.57
CA ALA A 238 -2.60 -1.81 -12.33
C ALA A 238 -1.87 -3.10 -12.05
N PRO A 239 -1.17 -3.65 -13.06
CA PRO A 239 -0.80 -3.02 -14.37
C PRO A 239 -1.90 -3.09 -15.44
N ASN A 240 -1.81 -2.24 -16.43
CA ASN A 240 -2.68 -2.27 -17.61
C ASN A 240 -2.37 -3.39 -18.57
N THR A 241 -1.09 -3.74 -18.71
CA THR A 241 -0.69 -4.93 -19.42
C THR A 241 -1.32 -6.17 -18.77
N ARG A 242 -1.81 -7.12 -19.57
CA ARG A 242 -2.32 -8.38 -19.05
C ARG A 242 -1.26 -9.05 -18.14
N LEU A 243 -1.69 -9.61 -17.01
CA LEU A 243 -0.73 -10.24 -16.09
C LEU A 243 -1.36 -11.53 -15.57
N LEU A 244 -0.65 -12.66 -15.71
CA LEU A 244 -1.17 -13.94 -15.28
C LEU A 244 -0.41 -14.26 -14.04
N LEU A 245 -1.08 -14.80 -13.02
CA LEU A 245 -0.36 -15.24 -11.80
C LEU A 245 -0.39 -16.76 -11.75
N VAL A 246 0.77 -17.38 -11.81
CA VAL A 246 0.93 -18.83 -11.74
C VAL A 246 1.24 -19.29 -10.32
N GLU A 247 0.19 -19.72 -9.61
CA GLU A 247 0.25 -20.11 -8.21
C GLU A 247 0.96 -21.42 -7.99
N ASN A 248 0.88 -22.32 -8.98
CA ASN A 248 1.49 -23.62 -8.86
C ASN A 248 2.88 -23.62 -9.46
N ARG A 249 3.94 -23.55 -8.64
CA ARG A 249 5.30 -23.45 -9.17
C ARG A 249 5.71 -24.68 -10.05
N ASN A 250 4.99 -25.79 -9.89
CA ASN A 250 5.36 -27.00 -10.61
C ASN A 250 5.04 -26.93 -12.10
N ILE A 251 4.18 -25.98 -12.53
CA ILE A 251 3.88 -25.86 -13.93
C ILE A 251 4.44 -24.58 -14.58
N PHE A 252 5.26 -23.85 -13.81
CA PHE A 252 5.62 -22.50 -14.27
C PHE A 252 6.44 -22.56 -15.55
N LYS A 253 7.45 -23.44 -15.55
CA LYS A 253 8.31 -23.54 -16.74
C LYS A 253 7.43 -23.84 -17.97
N ASP A 254 6.42 -24.73 -17.79
CA ASP A 254 5.59 -25.14 -18.92
C ASP A 254 4.61 -24.06 -19.32
N VAL A 255 4.12 -23.26 -18.38
CA VAL A 255 3.26 -22.13 -18.79
C VAL A 255 4.07 -21.10 -19.59
N VAL A 256 5.29 -20.83 -19.12
CA VAL A 256 6.20 -19.92 -19.86
C VAL A 256 6.54 -20.45 -21.28
N SER A 257 6.91 -21.73 -21.39
CA SER A 257 7.07 -22.37 -22.71
C SER A 257 5.86 -22.21 -23.61
N LEU A 258 4.67 -22.50 -23.10
CA LEU A 258 3.45 -22.42 -23.90
C LEU A 258 3.19 -21.02 -24.41
N LEU A 259 3.42 -20.02 -23.55
CA LEU A 259 3.04 -18.66 -23.93
C LEU A 259 4.11 -17.87 -24.67
N SER A 260 5.38 -18.08 -24.35
CA SER A 260 6.48 -17.31 -24.97
C SER A 260 6.62 -17.67 -26.47
N LYS A 261 6.08 -18.82 -26.86
CA LYS A 261 6.04 -19.23 -28.28
C LYS A 261 5.10 -18.30 -29.07
N LYS A 262 3.98 -17.90 -28.49
CA LYS A 262 2.99 -17.09 -29.14
C LYS A 262 2.97 -15.62 -28.76
N TYR A 263 3.59 -15.28 -27.62
CA TYR A 263 3.53 -13.88 -27.14
C TYR A 263 4.92 -13.38 -26.79
N LYS A 264 5.07 -12.08 -26.75
CA LYS A 264 6.30 -11.51 -26.20
C LYS A 264 6.00 -11.32 -24.71
N VAL A 265 6.73 -12.01 -23.83
CA VAL A 265 6.27 -12.03 -22.43
C VAL A 265 7.34 -11.32 -21.55
N ALA A 266 6.94 -10.97 -20.32
CA ALA A 266 7.89 -10.62 -19.27
C ALA A 266 7.57 -11.45 -18.04
N LEU A 267 8.60 -11.98 -17.42
CA LEU A 267 8.41 -12.86 -16.26
C LEU A 267 8.75 -12.12 -14.97
N LEU A 268 7.81 -12.15 -14.03
CA LEU A 268 8.02 -11.56 -12.73
C LEU A 268 8.39 -12.72 -11.78
N ILE A 269 9.65 -12.80 -11.41
CA ILE A 269 10.20 -14.00 -10.77
C ILE A 269 11.21 -13.62 -9.71
N PRO A 270 11.50 -14.57 -8.80
CA PRO A 270 12.63 -14.43 -7.91
C PRO A 270 13.95 -14.70 -8.58
N LYS A 271 15.01 -14.17 -7.98
CA LYS A 271 16.33 -14.19 -8.59
C LYS A 271 16.80 -15.62 -8.80
N GLU A 272 16.40 -16.55 -7.92
CA GLU A 272 16.72 -17.97 -8.04
C GLU A 272 16.25 -18.65 -9.34
N LEU A 273 15.20 -18.15 -10.02
CA LEU A 273 14.72 -18.72 -11.28
C LEU A 273 15.25 -17.98 -12.55
N SER A 274 16.13 -17.02 -12.37
CA SER A 274 16.59 -16.19 -13.50
C SER A 274 17.36 -17.01 -14.55
N LYS A 275 18.29 -17.85 -14.09
CA LYS A 275 19.02 -18.73 -14.99
C LYS A 275 18.18 -19.67 -15.86
N GLU A 276 17.02 -20.12 -15.38
CA GLU A 276 16.16 -21.07 -16.08
C GLU A 276 15.43 -20.44 -17.28
N PHE A 277 15.34 -19.11 -17.30
CA PHE A 277 14.58 -18.42 -18.30
C PHE A 277 15.42 -17.37 -19.01
N GLU A 278 16.72 -17.59 -19.03
CA GLU A 278 17.63 -16.61 -19.69
C GLU A 278 17.33 -16.48 -21.16
N GLY A 279 17.30 -15.24 -21.69
CA GLY A 279 16.74 -14.98 -23.02
C GLY A 279 15.36 -14.35 -23.09
N LEU A 280 14.54 -14.60 -22.05
CA LEU A 280 13.25 -13.91 -21.95
C LEU A 280 13.38 -12.67 -21.04
N GLN A 281 12.54 -11.68 -21.32
CA GLN A 281 12.47 -10.48 -20.49
C GLN A 281 12.07 -10.87 -19.06
N GLN A 282 12.82 -10.39 -18.10
CA GLN A 282 12.55 -10.73 -16.65
C GLN A 282 12.49 -9.44 -15.86
N ILE A 283 11.69 -9.49 -14.80
CA ILE A 283 11.56 -8.44 -13.75
C ILE A 283 11.80 -9.19 -12.46
N ILE A 284 12.95 -8.95 -11.84
CA ILE A 284 13.37 -9.78 -10.72
C ILE A 284 12.78 -9.20 -9.46
N LEU A 285 11.92 -9.96 -8.79
CA LEU A 285 11.23 -9.42 -7.60
C LEU A 285 12.10 -9.39 -6.34
N GLY A 286 13.10 -10.26 -6.27
CA GLY A 286 14.02 -10.34 -5.13
C GLY A 286 14.28 -11.84 -4.92
N SER A 287 14.63 -12.23 -3.69
CA SER A 287 15.04 -13.62 -3.41
C SER A 287 13.91 -14.39 -2.77
N ASP A 288 13.79 -15.63 -3.19
CA ASP A 288 12.88 -16.54 -2.57
C ASP A 288 13.18 -16.69 -1.04
N GLU A 289 14.38 -16.37 -0.58
CA GLU A 289 14.66 -16.62 0.83
C GLU A 289 14.36 -15.36 1.64
N ASN A 290 13.80 -14.35 0.99
CA ASN A 290 13.50 -13.13 1.75
C ASN A 290 12.28 -12.48 1.12
N LEU A 291 11.11 -12.92 1.53
CA LEU A 291 9.84 -12.34 1.01
C LEU A 291 9.65 -10.82 1.20
N TYR A 292 10.30 -10.23 2.22
CA TYR A 292 10.21 -8.78 2.39
C TYR A 292 10.81 -8.05 1.20
N GLU A 293 11.83 -8.67 0.56
CA GLU A 293 12.46 -8.08 -0.59
C GLU A 293 11.41 -8.10 -1.72
N VAL A 294 10.72 -9.22 -1.91
CA VAL A 294 9.71 -9.35 -3.02
C VAL A 294 8.58 -8.31 -2.72
N ALA A 295 8.14 -8.20 -1.45
CA ALA A 295 7.09 -7.22 -1.16
C ALA A 295 7.56 -5.78 -1.43
N ARG A 296 8.83 -5.47 -1.10
CA ARG A 296 9.38 -4.14 -1.37
C ARG A 296 9.41 -3.77 -2.83
N ASN A 297 9.61 -4.78 -3.68
CA ASN A 297 9.72 -4.55 -5.10
C ASN A 297 8.46 -4.76 -5.92
N LEU A 298 7.41 -5.25 -5.27
CA LEU A 298 6.23 -5.67 -6.03
C LEU A 298 5.54 -4.58 -6.91
N PHE A 299 5.15 -3.43 -6.33
CA PHE A 299 4.40 -2.48 -7.11
C PHE A 299 5.26 -1.83 -8.18
N ASP A 300 6.51 -1.61 -7.84
CA ASP A 300 7.39 -1.11 -8.89
C ASP A 300 7.62 -2.09 -10.03
N SER A 301 7.58 -3.39 -9.75
CA SER A 301 7.65 -4.37 -10.86
C SER A 301 6.43 -4.23 -11.76
N PHE A 302 5.29 -3.90 -11.20
CA PHE A 302 4.08 -3.62 -12.06
C PHE A 302 4.26 -2.37 -12.88
N ARG A 303 4.84 -1.30 -12.31
CA ARG A 303 5.15 -0.13 -13.13
C ARG A 303 6.08 -0.52 -14.23
N GLU A 304 7.12 -1.33 -13.92
CA GLU A 304 8.08 -1.67 -14.96
C GLU A 304 7.40 -2.44 -16.12
N LEU A 305 6.52 -3.36 -15.76
CA LEU A 305 5.82 -4.17 -16.76
C LEU A 305 5.17 -3.29 -17.79
N ASP A 306 4.56 -2.20 -17.33
CA ASP A 306 3.83 -1.33 -18.31
C ASP A 306 4.77 -0.42 -19.10
N LYS A 307 5.98 -0.24 -18.60
CA LYS A 307 7.01 0.50 -19.39
C LYS A 307 7.56 -0.28 -20.50
N LEU A 308 7.63 -1.60 -20.32
CA LEU A 308 8.17 -2.52 -21.30
C LEU A 308 7.21 -2.63 -22.46
N ASN A 309 7.61 -3.26 -23.52
CA ASN A 309 6.59 -3.35 -24.57
C ASN A 309 6.30 -4.77 -24.81
N VAL A 310 5.43 -5.34 -23.95
CA VAL A 310 5.19 -6.80 -24.00
C VAL A 310 3.68 -7.04 -24.12
N ASP A 311 3.32 -8.22 -24.61
CA ASP A 311 1.91 -8.67 -24.70
C ASP A 311 1.39 -9.05 -23.30
N LEU A 312 2.26 -9.63 -22.47
CA LEU A 312 1.78 -9.96 -21.16
C LEU A 312 2.86 -10.29 -20.16
N GLY A 313 2.47 -10.16 -18.93
CA GLY A 313 3.39 -10.43 -17.79
C GLY A 313 2.99 -11.78 -17.22
N ILE A 314 3.95 -12.56 -16.80
CA ILE A 314 3.63 -13.82 -16.14
C ILE A 314 4.39 -13.82 -14.83
N MSE A 315 3.62 -13.77 -13.72
CA MSE A 315 4.24 -13.77 -12.38
C MSE A 315 4.13 -15.15 -11.73
O MSE A 315 3.06 -15.76 -11.84
CB MSE A 315 3.51 -12.76 -11.50
CG MSE A 315 4.19 -12.73 -10.09
SE MSE A 315 3.47 -11.20 -9.11
CE MSE A 315 3.87 -11.84 -7.31
N ILE A 316 5.20 -15.63 -11.08
CA ILE A 316 5.11 -16.86 -10.29
C ILE A 316 4.58 -16.55 -8.88
N GLY A 317 3.86 -17.51 -8.31
CA GLY A 317 3.48 -17.48 -6.88
C GLY A 317 4.58 -17.55 -5.83
N PHE A 318 4.19 -17.17 -4.62
CA PHE A 318 5.08 -17.20 -3.46
C PHE A 318 4.32 -17.83 -2.28
N PRO A 319 5.06 -18.32 -1.28
CA PRO A 319 4.41 -18.97 -0.14
C PRO A 319 3.51 -17.96 0.56
N GLU A 320 2.36 -18.41 1.04
CA GLU A 320 1.46 -17.54 1.76
C GLU A 320 1.68 -17.91 3.16
N ARG A 321 2.81 -17.40 3.68
CA ARG A 321 3.19 -17.34 5.07
C ARG A 321 3.69 -15.90 5.28
N GLY A 322 3.50 -15.34 6.48
CA GLY A 322 4.06 -14.00 6.77
C GLY A 322 3.54 -12.95 5.76
N ILE A 323 4.43 -12.14 5.26
CA ILE A 323 4.04 -11.08 4.27
C ILE A 323 3.72 -11.70 2.90
N GLY A 324 4.09 -12.98 2.65
CA GLY A 324 3.59 -13.70 1.48
C GLY A 324 2.10 -13.58 1.25
N PHE A 325 1.31 -13.63 2.32
CA PHE A 325 -0.13 -13.54 2.15
C PHE A 325 -0.53 -12.20 1.54
N ALA A 326 0.09 -11.15 2.02
CA ALA A 326 -0.18 -9.81 1.42
C ALA A 326 0.35 -9.70 -0.01
N ILE A 327 1.52 -10.27 -0.29
CA ILE A 327 2.11 -10.21 -1.65
C ILE A 327 1.07 -10.84 -2.57
N MSE A 328 0.57 -12.00 -2.15
CA MSE A 328 -0.35 -12.73 -3.06
C MSE A 328 -1.71 -12.09 -3.16
O MSE A 328 -2.34 -12.15 -4.22
CB MSE A 328 -0.47 -14.22 -2.71
CG MSE A 328 0.82 -15.03 -2.86
SE MSE A 328 1.40 -15.07 -4.70
CE MSE A 328 -0.05 -16.22 -5.34
N ASN A 329 -2.19 -11.45 -2.08
CA ASN A 329 -3.38 -10.67 -2.19
C ASN A 329 -3.27 -9.57 -3.20
N ARG A 330 -2.15 -8.83 -3.17
CA ARG A 330 -1.99 -7.74 -4.12
C ARG A 330 -1.81 -8.30 -5.51
N ALA A 331 -1.09 -9.44 -5.64
CA ALA A 331 -0.82 -10.02 -6.98
C ALA A 331 -2.10 -10.53 -7.63
N ARG A 332 -2.96 -11.20 -6.85
CA ARG A 332 -4.22 -11.61 -7.42
C ARG A 332 -5.02 -10.48 -7.96
N LYS A 333 -5.14 -9.39 -7.20
CA LYS A 333 -5.89 -8.18 -7.63
C LYS A 333 -5.26 -7.57 -8.85
N ALA A 334 -3.91 -7.49 -8.80
CA ALA A 334 -3.20 -6.87 -9.93
C ALA A 334 -3.40 -7.68 -11.24
N SER A 335 -3.56 -8.99 -11.12
CA SER A 335 -3.75 -9.85 -12.30
C SER A 335 -5.23 -9.88 -12.78
N GLY A 336 -6.11 -9.12 -12.15
CA GLY A 336 -7.57 -9.31 -12.44
C GLY A 336 -8.04 -10.74 -12.14
N PHE A 337 -7.48 -11.34 -11.10
CA PHE A 337 -7.74 -12.73 -10.77
C PHE A 337 -7.51 -13.70 -11.96
N SER A 338 -6.43 -13.43 -12.71
CA SER A 338 -6.01 -14.42 -13.72
C SER A 338 -5.08 -15.50 -13.12
N ILE A 339 -5.64 -16.48 -12.40
CA ILE A 339 -4.86 -17.36 -11.57
C ILE A 339 -4.71 -18.71 -12.28
N ILE A 340 -3.47 -19.20 -12.38
CA ILE A 340 -3.18 -20.44 -13.03
C ILE A 340 -2.72 -21.46 -12.03
N LYS A 341 -3.55 -22.50 -11.79
CA LYS A 341 -3.08 -23.60 -10.91
C LYS A 341 -2.90 -24.96 -11.62
N ALA A 342 -3.56 -25.12 -12.75
CA ALA A 342 -3.23 -26.23 -13.66
C ALA A 342 -3.03 -25.59 -14.99
N ILE A 343 -2.15 -26.14 -15.82
CA ILE A 343 -1.81 -25.49 -17.07
C ILE A 343 -3.01 -25.25 -18.00
N SER A 344 -4.03 -26.10 -17.88
CA SER A 344 -5.21 -25.93 -18.73
C SER A 344 -5.94 -24.60 -18.35
N ASP A 345 -5.72 -24.07 -17.14
CA ASP A 345 -6.27 -22.71 -16.80
C ASP A 345 -5.84 -21.63 -17.79
N VAL A 346 -4.69 -21.82 -18.44
CA VAL A 346 -4.19 -20.82 -19.40
C VAL A 346 -5.26 -20.53 -20.47
N TYR A 347 -6.06 -21.53 -20.79
CA TYR A 347 -7.14 -21.35 -21.80
C TYR A 347 -8.02 -20.16 -21.54
N LYS A 348 -8.37 -19.97 -20.28
CA LYS A 348 -9.32 -18.93 -19.87
C LYS A 348 -8.88 -17.47 -20.08
N TYR A 349 -7.57 -17.23 -20.28
CA TYR A 349 -7.00 -15.86 -20.19
C TYR A 349 -6.27 -15.39 -21.46
N VAL A 350 -5.99 -16.31 -22.37
CA VAL A 350 -5.21 -15.99 -23.57
C VAL A 350 -5.49 -16.98 -24.72
N ASN A 351 -5.43 -16.51 -25.97
CA ASN A 351 -5.39 -17.42 -27.13
C ASN A 351 -4.09 -18.25 -27.24
MG MG B . -4.60 3.19 -2.73
OXT TXA C . -2.47 1.86 4.64
CX TXA C . -1.36 2.20 4.18
OX TXA C . -0.33 1.58 4.52
CAX TXA C . -1.27 3.41 3.26
CBX TXA C . -0.27 4.36 4.02
CGX TXA C . -0.27 5.77 3.42
OGX TXA C . -0.67 4.55 5.38
NX TXA C . -2.61 4.02 2.91
CCA TXA C . -3.27 3.51 1.87
OP2 TXA C . -4.51 3.84 1.90
OCA TXA C . -2.71 2.76 1.24
P TXA C . -5.29 3.40 0.78
OP3 TXA C . -5.11 4.08 -0.64
OP1 TXA C . -5.44 1.76 0.70
O5' TXA C . -6.84 4.03 1.17
C5' TXA C . -7.52 3.77 2.41
C4' TXA C . -8.24 2.44 2.38
C3' TXA C . -9.59 2.54 1.67
O3' TXA C . -9.51 2.22 0.27
C2' TXA C . -10.36 1.43 2.35
O2' TXA C . -10.05 0.22 1.67
C1' TXA C . -9.80 1.43 3.76
O4' TXA C . -8.58 2.13 3.75
N9 TXA C . -10.69 2.11 4.67
C8 TXA C . -10.62 3.43 5.08
N7 TXA C . -11.64 3.72 5.90
C5 TXA C . -12.36 2.59 6.08
C6 TXA C . -13.59 2.23 6.84
N6 TXA C . -14.19 3.15 7.68
N1 TXA C . -14.05 0.98 6.69
C2 TXA C . -13.43 0.05 5.95
N3 TXA C . -12.29 0.31 5.22
C4 TXA C . -11.74 1.53 5.25
#